data_5AJC
#
_entry.id   5AJC
#
_cell.length_a   36.766
_cell.length_b   83.163
_cell.length_c   90.697
_cell.angle_alpha   90.00
_cell.angle_beta   90.00
_cell.angle_gamma   90.00
#
_symmetry.space_group_name_H-M   'P 21 21 21'
#
loop_
_entity.id
_entity.type
_entity.pdbx_description
1 polymer 'PUTATIVE FUCOSE-BINDING LECTIN PROTEIN'
2 branched alpha-L-fucopyranose-(1-3)-[beta-D-galactopyranose-(1-4)]2-acetamido-2-deoxy-alpha-D-glucopyranose
3 branched alpha-L-fucopyranose-(1-3)-2-acetamido-2-deoxy-beta-D-glucopyranose
4 branched 'N-acetyl-alpha-neuraminic acid-(2-3)-beta-D-galactopyranose-(1-4)-[alpha-L-fucopyranose-(1-3)]2-acetamido-2-deoxy-alpha-D-glucopyranose'
5 non-polymer 2-AMINO-2-HYDROXYMETHYL-PROPANE-1,3-DIOL
6 non-polymer beta-L-fucopyranose
7 non-polymer alpha-L-fucopyranose
8 water water
#
_entity_poly.entity_id   1
_entity_poly.type   'polypeptide(L)'
_entity_poly.pdbx_seq_one_letter_code
;SSVQTAATSWGTVPSIRVYTANNGKITERCWDGKGWYTGAFNEPGDNVSVTSWLVGSAIHIRVYASTGTTTTEWCWDGNG
WTKGAYTATN
;
_entity_poly.pdbx_strand_id   A,B,C
#
# COMPACT_ATOMS: atom_id res chain seq x y z
N SER A 1 15.72 2.22 10.71
CA SER A 1 14.87 2.02 11.92
C SER A 1 13.84 3.16 12.08
N SER A 2 12.58 2.84 11.87
CA SER A 2 11.56 3.89 11.84
C SER A 2 10.18 3.31 12.05
N VAL A 3 9.25 4.24 12.22
CA VAL A 3 7.85 3.95 12.17
C VAL A 3 7.50 3.37 10.77
N GLN A 4 6.35 2.70 10.68
CA GLN A 4 5.91 2.01 9.45
C GLN A 4 4.55 2.61 9.09
N THR A 5 4.39 3.07 7.86
CA THR A 5 3.13 3.71 7.48
C THR A 5 2.42 2.97 6.33
N ALA A 6 1.16 3.35 6.17
CA ALA A 6 0.35 2.96 5.03
C ALA A 6 -0.58 4.12 4.70
N ALA A 7 -0.99 4.23 3.44
CA ALA A 7 -1.84 5.39 3.00
C ALA A 7 -2.87 4.96 2.01
N THR A 8 -4.01 5.63 2.05
CA THR A 8 -5.05 5.48 1.05
C THR A 8 -5.68 6.84 0.77
N SER A 9 -6.36 6.93 -0.36
CA SER A 9 -7.00 8.19 -0.74
C SER A 9 -8.21 7.89 -1.61
N TRP A 10 -9.12 8.86 -1.66
CA TRP A 10 -10.28 8.69 -2.53
C TRP A 10 -10.86 10.02 -3.01
N GLY A 11 -11.59 9.93 -4.12
CA GLY A 11 -12.19 11.07 -4.75
C GLY A 11 -11.18 12.09 -5.28
N THR A 12 -11.70 13.26 -5.65
CA THR A 12 -10.91 14.30 -6.29
C THR A 12 -10.52 15.45 -5.41
N VAL A 13 -11.07 15.51 -4.20
CA VAL A 13 -10.72 16.56 -3.26
C VAL A 13 -9.18 16.62 -3.00
N PRO A 14 -8.50 15.54 -2.59
CA PRO A 14 -9.11 14.30 -2.24
C PRO A 14 -9.26 14.16 -0.73
N SER A 15 -9.73 13.01 -0.26
CA SER A 15 -9.54 12.57 1.13
C SER A 15 -8.36 11.66 1.19
N ILE A 16 -7.56 11.78 2.24
CA ILE A 16 -6.40 10.90 2.47
C ILE A 16 -6.41 10.39 3.89
N ARG A 17 -5.99 9.14 4.11
CA ARG A 17 -5.80 8.59 5.47
C ARG A 17 -4.44 7.99 5.53
N VAL A 18 -3.66 8.38 6.54
CA VAL A 18 -2.28 7.84 6.74
C VAL A 18 -2.24 7.15 8.09
N TYR A 19 -1.86 5.87 8.08
CA TYR A 19 -1.81 5.03 9.29
C TYR A 19 -0.35 4.87 9.65
N THR A 20 0.00 5.04 10.94
CA THR A 20 1.36 4.93 11.38
C THR A 20 1.45 3.94 12.54
N ALA A 21 2.26 2.91 12.36
CA ALA A 21 2.60 1.94 13.43
C ALA A 21 3.86 2.43 14.16
N ASN A 22 3.75 2.64 15.47
CA ASN A 22 4.84 3.21 16.28
C ASN A 22 4.73 2.65 17.68
N ASN A 23 5.79 1.98 18.11
CA ASN A 23 5.85 1.39 19.47
C ASN A 23 4.66 0.47 19.76
N GLY A 24 4.25 -0.28 18.74
CA GLY A 24 3.20 -1.29 18.90
C GLY A 24 1.78 -0.77 18.82
N LYS A 25 1.64 0.50 18.44
CA LYS A 25 0.28 1.08 18.27
C LYS A 25 0.13 1.73 16.91
N ILE A 26 -1.02 1.58 16.30
CA ILE A 26 -1.32 2.24 15.01
C ILE A 26 -2.29 3.36 15.26
N THR A 27 -1.95 4.56 14.76
CA THR A 27 -2.81 5.73 14.82
C THR A 27 -3.03 6.28 13.41
N GLU A 28 -3.94 7.24 13.29
CA GLU A 28 -4.46 7.67 11.97
C GLU A 28 -4.44 9.20 11.88
N ARG A 29 -3.91 9.72 10.77
CA ARG A 29 -4.01 11.15 10.42
C ARG A 29 -4.84 11.27 9.14
N CYS A 30 -5.63 12.33 9.10
CA CYS A 30 -6.69 12.50 8.10
C CYS A 30 -6.73 13.87 7.43
N TRP A 31 -7.01 13.84 6.15
CA TRP A 31 -7.15 15.03 5.31
C TRP A 31 -8.44 14.90 4.52
N ASP A 32 -9.33 15.88 4.65
CA ASP A 32 -10.54 16.01 3.88
C ASP A 32 -10.63 17.37 3.15
N GLY A 33 -9.51 18.00 2.89
CA GLY A 33 -9.42 19.23 2.12
C GLY A 33 -9.19 20.50 2.90
N LYS A 34 -9.21 20.41 4.23
CA LYS A 34 -9.23 21.57 5.11
C LYS A 34 -8.30 21.46 6.31
N GLY A 35 -7.20 20.74 6.15
CA GLY A 35 -6.18 20.55 7.20
C GLY A 35 -6.09 19.14 7.76
N TRP A 36 -4.94 18.79 8.26
CA TRP A 36 -4.72 17.44 8.85
C TRP A 36 -5.31 17.42 10.25
N TYR A 37 -5.94 16.30 10.61
CA TYR A 37 -6.45 16.06 11.96
C TYR A 37 -6.30 14.60 12.34
N THR A 38 -6.43 14.32 13.64
CA THR A 38 -6.22 12.98 14.14
C THR A 38 -7.53 12.20 14.03
N GLY A 39 -7.48 11.02 13.43
CA GLY A 39 -8.65 10.19 13.27
C GLY A 39 -8.98 9.33 14.47
N ALA A 40 -10.10 8.68 14.37
CA ALA A 40 -10.62 7.76 15.43
C ALA A 40 -9.85 6.46 15.57
N PHE A 41 -9.17 6.03 14.51
CA PHE A 41 -8.55 4.68 14.53
C PHE A 41 -7.39 4.61 15.47
N ASN A 42 -7.44 3.64 16.38
CA ASN A 42 -6.38 3.46 17.35
C ASN A 42 -6.37 1.99 17.78
N GLU A 43 -5.46 1.20 17.23
CA GLU A 43 -5.41 -0.27 17.53
C GLU A 43 -3.97 -0.74 17.58
N PRO A 44 -3.72 -1.85 18.29
CA PRO A 44 -2.38 -2.38 18.33
C PRO A 44 -1.88 -2.85 16.97
N GLY A 45 -0.59 -2.70 16.75
CA GLY A 45 0.08 -3.27 15.61
C GLY A 45 1.50 -2.75 15.43
N ASP A 46 2.34 -3.59 14.85
CA ASP A 46 3.69 -3.23 14.44
C ASP A 46 3.84 -2.95 12.96
N ASN A 47 2.88 -3.43 12.18
N ASN A 47 2.90 -3.46 12.18
CA ASN A 47 2.87 -3.29 10.73
CA ASN A 47 2.89 -3.28 10.74
C ASN A 47 1.45 -3.02 10.30
C ASN A 47 1.45 -3.03 10.29
N VAL A 48 1.30 -2.22 9.25
CA VAL A 48 -0.03 -1.86 8.77
C VAL A 48 -0.08 -1.81 7.24
N SER A 49 -1.17 -2.28 6.67
CA SER A 49 -1.52 -2.00 5.27
C SER A 49 -2.98 -1.60 5.18
N VAL A 50 -3.35 -1.03 4.04
CA VAL A 50 -4.71 -0.50 3.91
C VAL A 50 -5.20 -0.58 2.49
N THR A 51 -6.50 -0.72 2.31
CA THR A 51 -7.15 -0.47 1.02
C THR A 51 -8.53 0.12 1.26
N SER A 52 -9.12 0.74 0.23
CA SER A 52 -10.40 1.41 0.39
C SER A 52 -11.14 1.50 -0.93
N TRP A 53 -12.46 1.70 -0.85
CA TRP A 53 -13.30 1.87 -2.05
C TRP A 53 -14.53 2.67 -1.66
N LEU A 54 -15.09 3.34 -2.67
CA LEU A 54 -16.31 4.12 -2.51
C LEU A 54 -17.55 3.35 -2.98
N VAL A 55 -18.64 3.58 -2.25
CA VAL A 55 -20.00 3.24 -2.70
C VAL A 55 -20.74 4.59 -2.70
N GLY A 56 -20.89 5.20 -3.88
CA GLY A 56 -21.29 6.62 -3.98
C GLY A 56 -20.29 7.57 -3.36
N SER A 57 -20.72 8.33 -2.36
CA SER A 57 -19.80 9.19 -1.58
C SER A 57 -19.36 8.58 -0.25
N ALA A 58 -19.77 7.35 0.01
CA ALA A 58 -19.50 6.66 1.27
C ALA A 58 -18.23 5.80 1.13
N ILE A 59 -17.25 6.14 1.92
CA ILE A 59 -15.99 5.41 1.92
C ILE A 59 -16.12 4.15 2.74
N HIS A 60 -15.46 3.09 2.26
CA HIS A 60 -15.25 1.84 2.99
C HIS A 60 -13.75 1.57 3.06
N ILE A 61 -13.25 1.32 4.24
CA ILE A 61 -11.79 1.19 4.45
C ILE A 61 -11.55 -0.12 5.15
N ARG A 62 -10.45 -0.76 4.78
CA ARG A 62 -9.99 -2.00 5.46
C ARG A 62 -8.54 -1.80 5.85
N VAL A 63 -8.21 -1.89 7.12
CA VAL A 63 -6.84 -1.73 7.66
C VAL A 63 -6.42 -3.11 8.16
N TYR A 64 -5.22 -3.55 7.78
CA TYR A 64 -4.67 -4.85 8.15
C TYR A 64 -3.53 -4.56 9.13
N ALA A 65 -3.78 -4.90 10.39
CA ALA A 65 -2.86 -4.60 11.48
C ALA A 65 -2.19 -5.89 11.95
N SER A 66 -0.86 -5.90 12.00
CA SER A 66 -0.13 -7.14 12.34
C SER A 66 0.71 -6.97 13.59
N THR A 67 0.65 -7.97 14.45
CA THR A 67 1.47 -8.08 15.66
C THR A 67 1.93 -9.52 15.72
N GLY A 68 3.23 -9.75 15.73
CA GLY A 68 3.73 -11.11 15.56
C GLY A 68 3.17 -11.75 14.30
N THR A 69 2.62 -12.97 14.42
CA THR A 69 2.08 -13.62 13.24
C THR A 69 0.56 -13.45 13.07
N THR A 70 -0.04 -12.62 13.90
CA THR A 70 -1.50 -12.37 13.83
C THR A 70 -1.82 -11.07 13.12
N THR A 71 -2.59 -11.17 12.05
CA THR A 71 -3.09 -9.98 11.35
C THR A 71 -4.59 -9.85 11.62
N THR A 72 -5.01 -8.67 12.10
CA THR A 72 -6.44 -8.34 12.33
C THR A 72 -6.89 -7.33 11.27
N GLU A 73 -8.03 -7.59 10.67
CA GLU A 73 -8.65 -6.64 9.73
C GLU A 73 -9.64 -5.78 10.47
N TRP A 74 -9.50 -4.45 10.29
CA TRP A 74 -10.38 -3.45 10.89
C TRP A 74 -11.13 -2.77 9.77
N CYS A 75 -12.43 -2.55 9.97
CA CYS A 75 -13.34 -2.16 8.90
C CYS A 75 -14.03 -0.86 9.26
N TRP A 76 -13.99 0.10 8.32
CA TRP A 76 -14.78 1.32 8.42
C TRP A 76 -15.81 1.24 7.31
N ASP A 77 -17.07 1.32 7.70
CA ASP A 77 -18.23 1.27 6.77
C ASP A 77 -19.29 2.33 7.14
N GLY A 78 -18.83 3.41 7.75
CA GLY A 78 -19.65 4.60 8.01
C GLY A 78 -20.03 4.85 9.46
N ASN A 79 -19.77 3.89 10.33
N ASN A 79 -19.76 3.91 10.35
CA ASN A 79 -20.18 4.01 11.74
CA ASN A 79 -20.07 4.18 11.80
C ASN A 79 -19.21 3.35 12.73
C ASN A 79 -19.20 3.40 12.72
N GLY A 80 -17.95 3.75 12.63
CA GLY A 80 -16.98 3.28 13.53
C GLY A 80 -16.22 2.09 13.01
N TRP A 81 -15.14 1.81 13.71
CA TRP A 81 -14.22 0.78 13.30
C TRP A 81 -14.62 -0.55 13.95
N THR A 82 -14.76 -1.58 13.13
CA THR A 82 -15.17 -2.92 13.62
C THR A 82 -14.26 -4.00 13.07
N LYS A 83 -14.18 -5.11 13.78
CA LYS A 83 -13.37 -6.22 13.30
C LYS A 83 -13.99 -6.93 12.13
N GLY A 84 -13.18 -7.29 11.15
CA GLY A 84 -13.63 -8.00 9.98
C GLY A 84 -13.36 -9.49 10.02
N ALA A 85 -13.84 -10.16 8.98
CA ALA A 85 -13.78 -11.62 8.85
C ALA A 85 -12.43 -12.17 8.46
N TYR A 86 -11.49 -11.29 8.07
CA TYR A 86 -10.19 -11.77 7.61
C TYR A 86 -9.54 -12.72 8.64
N THR A 87 -9.05 -13.85 8.13
CA THR A 87 -8.18 -14.79 8.86
C THR A 87 -7.07 -15.26 7.97
N ALA A 88 -6.05 -15.80 8.63
CA ALA A 88 -4.88 -16.41 7.97
C ALA A 88 -5.21 -17.74 7.31
N THR A 89 -6.09 -18.48 7.95
CA THR A 89 -6.51 -19.80 7.49
C THR A 89 -7.59 -20.28 8.45
N SER B 1 10.03 -8.94 14.60
CA SER B 1 8.94 -8.21 15.27
C SER B 1 7.50 -8.60 14.80
N SER B 2 7.20 -8.68 13.51
N SER B 2 7.19 -8.68 13.50
CA SER B 2 5.83 -9.01 13.10
CA SER B 2 5.81 -9.00 13.10
C SER B 2 5.87 -9.32 11.65
C SER B 2 5.88 -9.34 11.66
N VAL B 3 4.87 -10.05 11.17
CA VAL B 3 4.70 -10.25 9.76
C VAL B 3 4.40 -8.90 9.11
N GLN B 4 4.51 -8.87 7.81
CA GLN B 4 4.32 -7.65 7.06
C GLN B 4 3.37 -7.93 5.90
N THR B 5 2.44 -7.02 5.68
CA THR B 5 1.38 -7.24 4.69
C THR B 5 1.27 -6.11 3.68
N ALA B 6 0.60 -6.46 2.59
CA ALA B 6 0.28 -5.52 1.52
C ALA B 6 -1.09 -5.89 1.01
N ALA B 7 -1.89 -4.89 0.62
CA ALA B 7 -3.26 -5.14 0.22
C ALA B 7 -3.63 -4.36 -1.02
N THR B 8 -4.49 -4.97 -1.84
CA THR B 8 -5.06 -4.31 -3.01
C THR B 8 -6.54 -4.76 -3.15
N SER B 9 -7.34 -3.91 -3.80
CA SER B 9 -8.74 -4.22 -4.01
C SER B 9 -9.22 -3.61 -5.32
N TRP B 10 -10.30 -4.19 -5.84
CA TRP B 10 -10.86 -3.70 -7.11
C TRP B 10 -12.36 -3.96 -7.24
N GLY B 11 -12.98 -3.18 -8.13
CA GLY B 11 -14.39 -3.28 -8.40
C GLY B 11 -15.30 -2.92 -7.23
N THR B 12 -16.57 -3.32 -7.39
CA THR B 12 -17.62 -2.93 -6.45
C THR B 12 -18.05 -4.02 -5.45
N VAL B 13 -17.58 -5.24 -5.63
CA VAL B 13 -17.86 -6.30 -4.66
C VAL B 13 -17.40 -5.93 -3.21
N PRO B 14 -16.14 -5.54 -2.93
CA PRO B 14 -15.02 -5.58 -3.85
C PRO B 14 -14.32 -6.91 -3.77
N SER B 15 -13.38 -7.13 -4.69
CA SER B 15 -12.38 -8.19 -4.50
C SER B 15 -11.21 -7.55 -3.73
N ILE B 16 -10.59 -8.33 -2.86
CA ILE B 16 -9.43 -7.93 -2.06
C ILE B 16 -8.38 -9.01 -2.16
N ARG B 17 -7.10 -8.63 -2.19
CA ARG B 17 -6.00 -9.59 -2.05
C ARG B 17 -5.07 -9.06 -1.00
N VAL B 18 -4.71 -9.92 -0.04
CA VAL B 18 -3.79 -9.54 1.06
C VAL B 18 -2.60 -10.47 0.99
N TYR B 19 -1.40 -9.90 0.86
CA TYR B 19 -0.16 -10.66 0.77
C TYR B 19 0.53 -10.52 2.11
N THR B 20 1.04 -11.64 2.64
CA THR B 20 1.75 -11.61 3.90
C THR B 20 3.12 -12.21 3.76
N ALA B 21 4.15 -11.47 4.18
CA ALA B 21 5.53 -11.99 4.27
C ALA B 21 5.71 -12.49 5.71
N ASN B 22 6.01 -13.77 5.84
CA ASN B 22 6.14 -14.45 7.16
C ASN B 22 7.23 -15.53 7.04
N ASN B 23 8.27 -15.37 7.82
CA ASN B 23 9.36 -16.33 7.87
C ASN B 23 9.94 -16.59 6.49
N GLY B 24 10.10 -15.52 5.69
CA GLY B 24 10.76 -15.60 4.39
C GLY B 24 9.89 -16.10 3.25
N LYS B 25 8.62 -16.28 3.51
CA LYS B 25 7.66 -16.67 2.47
C LYS B 25 6.51 -15.72 2.36
N ILE B 26 6.10 -15.41 1.15
CA ILE B 26 4.89 -14.60 0.94
C ILE B 26 3.75 -15.49 0.45
N THR B 27 2.61 -15.37 1.11
CA THR B 27 1.39 -16.10 0.73
C THR B 27 0.26 -15.08 0.57
N GLU B 28 -0.86 -15.57 0.07
CA GLU B 28 -1.94 -14.70 -0.40
C GLU B 28 -3.28 -15.19 0.15
N ARG B 29 -4.06 -14.26 0.71
CA ARG B 29 -5.45 -14.52 1.08
C ARG B 29 -6.36 -13.65 0.22
N CYS B 30 -7.51 -14.24 -0.15
CA CYS B 30 -8.38 -13.66 -1.16
C CYS B 30 -9.84 -13.53 -0.70
N TRP B 31 -10.45 -12.43 -1.11
CA TRP B 31 -11.87 -12.14 -0.93
C TRP B 31 -12.46 -11.76 -2.27
N ASP B 32 -13.49 -12.49 -2.70
CA ASP B 32 -14.31 -12.16 -3.87
C ASP B 32 -15.80 -12.04 -3.48
N GLY B 33 -16.08 -11.69 -2.23
CA GLY B 33 -17.42 -11.39 -1.75
C GLY B 33 -18.08 -12.54 -1.02
N LYS B 34 -17.40 -13.68 -0.96
N LYS B 34 -17.40 -13.68 -0.96
CA LYS B 34 -18.02 -14.96 -0.57
CA LYS B 34 -18.01 -14.95 -0.56
C LYS B 34 -17.24 -15.72 0.50
C LYS B 34 -17.25 -15.72 0.51
N GLY B 35 -16.38 -15.02 1.22
CA GLY B 35 -15.50 -15.63 2.23
C GLY B 35 -14.04 -15.59 1.84
N TRP B 36 -13.18 -15.61 2.84
CA TRP B 36 -11.72 -15.62 2.56
C TRP B 36 -11.25 -17.01 2.15
N TYR B 37 -10.31 -17.06 1.19
CA TYR B 37 -9.70 -18.31 0.78
C TYR B 37 -8.24 -18.08 0.47
N THR B 38 -7.47 -19.17 0.42
CA THR B 38 -6.03 -19.07 0.13
C THR B 38 -5.80 -19.02 -1.37
N GLY B 39 -5.05 -18.02 -1.82
CA GLY B 39 -4.72 -17.89 -3.22
C GLY B 39 -3.56 -18.72 -3.72
N ALA B 40 -3.36 -18.69 -5.02
CA ALA B 40 -2.28 -19.42 -5.65
C ALA B 40 -0.89 -18.83 -5.45
N PHE B 41 -0.79 -17.54 -5.10
CA PHE B 41 0.54 -16.94 -5.00
C PHE B 41 1.34 -17.49 -3.84
N ASN B 42 2.52 -18.01 -4.13
CA ASN B 42 3.42 -18.48 -3.11
C ASN B 42 4.87 -18.34 -3.55
N GLU B 43 5.57 -17.37 -2.99
CA GLU B 43 6.97 -17.08 -3.40
C GLU B 43 7.79 -16.56 -2.25
N PRO B 44 9.11 -16.74 -2.35
CA PRO B 44 9.92 -16.22 -1.24
C PRO B 44 9.98 -14.71 -1.14
N GLY B 45 10.12 -14.22 0.08
CA GLY B 45 10.34 -12.79 0.32
C GLY B 45 10.25 -12.45 1.78
N ASP B 46 11.00 -11.43 2.14
CA ASP B 46 10.92 -10.84 3.49
C ASP B 46 10.07 -9.56 3.57
N ASN B 47 9.77 -9.00 2.42
CA ASN B 47 8.99 -7.76 2.33
C ASN B 47 8.16 -7.79 1.08
N VAL B 48 6.98 -7.17 1.14
CA VAL B 48 6.07 -7.22 -0.02
C VAL B 48 5.28 -5.93 -0.19
N SER B 49 5.09 -5.53 -1.43
CA SER B 49 4.14 -4.51 -1.80
C SER B 49 3.33 -4.98 -3.00
N VAL B 50 2.21 -4.30 -3.30
CA VAL B 50 1.35 -4.74 -4.38
C VAL B 50 0.56 -3.57 -5.00
N THR B 51 0.27 -3.68 -6.28
CA THR B 51 -0.67 -2.79 -6.94
C THR B 51 -1.46 -3.62 -7.94
N SER B 52 -2.58 -3.05 -8.40
CA SER B 52 -3.40 -3.74 -9.40
C SER B 52 -4.22 -2.76 -10.20
N TRP B 53 -4.64 -3.18 -11.38
CA TRP B 53 -5.52 -2.39 -12.26
C TRP B 53 -6.37 -3.33 -13.14
N LEU B 54 -7.51 -2.80 -13.55
CA LEU B 54 -8.46 -3.52 -14.39
C LEU B 54 -8.28 -3.13 -15.85
N VAL B 55 -8.37 -4.14 -16.74
CA VAL B 55 -8.53 -3.91 -18.18
C VAL B 55 -9.82 -4.61 -18.53
N GLY B 56 -10.83 -3.82 -18.86
CA GLY B 56 -12.20 -4.30 -18.86
C GLY B 56 -12.52 -4.88 -17.47
N SER B 57 -12.97 -6.12 -17.44
CA SER B 57 -13.34 -6.81 -16.19
C SER B 57 -12.20 -7.74 -15.69
N ALA B 58 -11.07 -7.71 -16.38
CA ALA B 58 -9.90 -8.55 -16.08
C ALA B 58 -8.94 -7.84 -15.14
N ILE B 59 -8.64 -8.45 -14.01
CA ILE B 59 -7.62 -7.88 -13.09
C ILE B 59 -6.21 -8.25 -13.51
N HIS B 60 -5.32 -7.28 -13.34
CA HIS B 60 -3.88 -7.43 -13.49
C HIS B 60 -3.24 -7.04 -12.17
N ILE B 61 -2.36 -7.89 -11.63
CA ILE B 61 -1.77 -7.66 -10.31
C ILE B 61 -0.25 -7.71 -10.46
N ARG B 62 0.43 -6.82 -9.75
CA ARG B 62 1.90 -6.81 -9.66
C ARG B 62 2.31 -6.85 -8.19
N VAL B 63 3.03 -7.87 -7.78
CA VAL B 63 3.51 -8.06 -6.42
C VAL B 63 5.02 -7.90 -6.46
N TYR B 64 5.53 -7.07 -5.57
CA TYR B 64 6.97 -6.73 -5.48
C TYR B 64 7.51 -7.42 -4.21
N ALA B 65 8.27 -8.50 -4.40
CA ALA B 65 8.81 -9.32 -3.34
C ALA B 65 10.30 -9.05 -3.16
N SER B 66 10.70 -8.73 -1.95
CA SER B 66 12.10 -8.37 -1.69
C SER B 66 12.74 -9.31 -0.69
N THR B 67 13.98 -9.69 -1.02
CA THR B 67 14.86 -10.53 -0.18
C THR B 67 16.20 -9.83 -0.25
N GLY B 68 16.74 -9.40 0.88
CA GLY B 68 17.93 -8.58 0.87
C GLY B 68 17.73 -7.33 0.02
N THR B 69 18.64 -7.07 -0.92
CA THR B 69 18.46 -5.89 -1.79
C THR B 69 17.84 -6.23 -3.13
N THR B 70 17.36 -7.46 -3.29
CA THR B 70 16.85 -7.90 -4.57
C THR B 70 15.31 -7.90 -4.54
N THR B 71 14.69 -7.15 -5.44
CA THR B 71 13.23 -7.11 -5.55
C THR B 71 12.82 -7.79 -6.85
N THR B 72 11.96 -8.80 -6.73
CA THR B 72 11.36 -9.53 -7.87
C THR B 72 9.90 -9.16 -8.04
N GLU B 73 9.51 -8.85 -9.27
CA GLU B 73 8.12 -8.53 -9.60
C GLU B 73 7.45 -9.80 -10.09
N TRP B 74 6.29 -10.10 -9.53
CA TRP B 74 5.45 -11.24 -9.93
C TRP B 74 4.15 -10.68 -10.53
N CYS B 75 3.72 -11.28 -11.65
CA CYS B 75 2.67 -10.74 -12.49
C CYS B 75 1.52 -11.72 -12.61
N TRP B 76 0.32 -11.26 -12.29
CA TRP B 76 -0.90 -11.97 -12.61
C TRP B 76 -1.61 -11.21 -13.74
N ASP B 77 -1.87 -11.93 -14.83
CA ASP B 77 -2.56 -11.37 -16.01
C ASP B 77 -3.65 -12.32 -16.53
N GLY B 78 -4.20 -13.13 -15.64
CA GLY B 78 -5.35 -13.99 -15.93
C GLY B 78 -5.01 -15.49 -16.05
N ASN B 79 -3.74 -15.82 -16.07
CA ASN B 79 -3.25 -17.17 -16.37
C ASN B 79 -2.04 -17.60 -15.55
N GLY B 80 -2.06 -17.29 -14.27
CA GLY B 80 -1.00 -17.75 -13.37
C GLY B 80 0.05 -16.68 -13.17
N TRP B 81 0.90 -16.94 -12.20
CA TRP B 81 1.86 -15.97 -11.78
C TRP B 81 3.14 -16.17 -12.55
N THR B 82 3.66 -15.09 -13.15
CA THR B 82 4.92 -15.13 -13.90
C THR B 82 5.86 -14.00 -13.45
N LYS B 83 7.14 -14.17 -13.67
CA LYS B 83 8.11 -13.14 -13.31
C LYS B 83 8.11 -12.00 -14.31
N GLY B 84 8.18 -10.77 -13.79
CA GLY B 84 8.13 -9.58 -14.61
C GLY B 84 9.49 -9.00 -14.87
N ALA B 85 9.50 -7.97 -15.72
CA ALA B 85 10.73 -7.31 -16.18
C ALA B 85 11.32 -6.32 -15.20
N TYR B 86 10.63 -6.01 -14.09
CA TYR B 86 11.15 -5.07 -13.12
C TYR B 86 12.55 -5.38 -12.68
N THR B 87 13.36 -4.34 -12.61
CA THR B 87 14.65 -4.37 -11.97
C THR B 87 14.90 -3.10 -11.16
N ALA B 88 15.84 -3.22 -10.24
CA ALA B 88 16.27 -2.13 -9.41
C ALA B 88 17.03 -1.06 -10.19
N THR B 89 17.12 0.11 -9.56
CA THR B 89 17.88 1.24 -10.02
C THR B 89 19.38 0.97 -9.80
N SER C 1 19.03 -4.60 6.25
CA SER C 1 18.34 -5.92 6.25
C SER C 1 17.82 -6.00 4.83
N SER C 2 16.54 -6.34 4.69
CA SER C 2 15.93 -6.36 3.39
C SER C 2 15.43 -4.94 3.12
N VAL C 3 15.39 -4.56 1.88
CA VAL C 3 14.81 -3.26 1.49
C VAL C 3 13.32 -3.31 1.74
N GLN C 4 12.65 -2.17 1.67
CA GLN C 4 11.21 -2.08 1.88
C GLN C 4 10.64 -1.26 0.73
N THR C 5 9.55 -1.76 0.14
CA THR C 5 8.96 -1.11 -1.01
C THR C 5 7.50 -0.70 -0.80
N ALA C 6 7.05 0.15 -1.70
CA ALA C 6 5.65 0.59 -1.79
C ALA C 6 5.37 0.81 -3.27
N ALA C 7 4.14 0.58 -3.70
CA ALA C 7 3.79 0.66 -5.11
C ALA C 7 2.44 1.30 -5.32
N THR C 8 2.32 1.97 -6.44
CA THR C 8 1.04 2.53 -6.89
C THR C 8 0.99 2.46 -8.43
N SER C 9 -0.20 2.57 -8.99
CA SER C 9 -0.38 2.50 -10.43
C SER C 9 -1.61 3.26 -10.79
N TRP C 10 -1.74 3.55 -12.06
CA TRP C 10 -2.94 4.24 -12.56
C TRP C 10 -3.16 4.04 -14.04
N GLY C 11 -4.42 4.21 -14.45
CA GLY C 11 -4.86 3.95 -15.83
C GLY C 11 -4.77 2.48 -16.23
N THR C 12 -4.74 2.25 -17.54
CA THR C 12 -4.79 0.92 -18.10
C THR C 12 -3.58 0.53 -18.94
N VAL C 13 -2.63 1.43 -19.13
CA VAL C 13 -1.34 1.06 -19.80
C VAL C 13 -0.62 -0.10 -19.08
N PRO C 14 -0.38 -0.04 -17.76
CA PRO C 14 -0.62 1.07 -16.85
C PRO C 14 0.65 1.89 -16.65
N SER C 15 0.59 2.98 -15.87
CA SER C 15 1.79 3.55 -15.26
C SER C 15 1.91 2.91 -13.88
N ILE C 16 3.13 2.57 -13.49
CA ILE C 16 3.45 2.00 -12.17
C ILE C 16 4.61 2.79 -11.60
N ARG C 17 4.56 3.09 -10.29
CA ARG C 17 5.68 3.67 -9.58
C ARG C 17 5.98 2.80 -8.38
N VAL C 18 7.26 2.40 -8.25
CA VAL C 18 7.68 1.54 -7.12
C VAL C 18 8.75 2.31 -6.37
N TYR C 19 8.50 2.51 -5.09
CA TYR C 19 9.43 3.26 -4.21
C TYR C 19 10.15 2.25 -3.33
N THR C 20 11.48 2.39 -3.19
CA THR C 20 12.27 1.48 -2.38
C THR C 20 13.08 2.27 -1.35
N ALA C 21 12.90 1.93 -0.07
CA ALA C 21 13.75 2.42 1.01
C ALA C 21 14.91 1.47 1.20
N ASN C 22 16.11 1.96 1.04
CA ASN C 22 17.35 1.12 1.12
C ASN C 22 18.46 1.95 1.75
N ASN C 23 18.91 1.50 2.90
CA ASN C 23 19.98 2.15 3.64
C ASN C 23 19.74 3.65 3.90
N GLY C 24 18.51 3.99 4.25
CA GLY C 24 18.17 5.38 4.56
C GLY C 24 17.81 6.30 3.40
N LYS C 25 17.75 5.77 2.19
CA LYS C 25 17.37 6.56 1.02
C LYS C 25 16.21 5.90 0.28
N ILE C 26 15.28 6.71 -0.19
CA ILE C 26 14.14 6.24 -0.98
C ILE C 26 14.37 6.70 -2.41
N THR C 27 14.30 5.74 -3.30
CA THR C 27 14.37 6.00 -4.75
C THR C 27 13.16 5.41 -5.43
N GLU C 28 13.00 5.75 -6.69
CA GLU C 28 11.76 5.49 -7.43
C GLU C 28 12.05 4.84 -8.77
N ARG C 29 11.36 3.73 -9.08
CA ARG C 29 11.41 3.09 -10.41
C ARG C 29 10.06 3.23 -11.07
N CYS C 30 10.07 3.45 -12.37
CA CYS C 30 8.89 3.86 -13.11
C CYS C 30 8.67 3.06 -14.37
N TRP C 31 7.39 2.77 -14.63
CA TRP C 31 6.95 2.06 -15.84
C TRP C 31 5.80 2.86 -16.43
N ASP C 32 5.96 3.23 -17.70
CA ASP C 32 4.89 3.87 -18.47
C ASP C 32 4.59 3.10 -19.80
N GLY C 33 4.92 1.81 -19.87
CA GLY C 33 4.59 0.95 -20.95
C GLY C 33 5.76 0.56 -21.87
N LYS C 34 6.94 1.16 -21.68
CA LYS C 34 8.06 1.04 -22.65
C LYS C 34 9.43 0.75 -22.00
N GLY C 35 9.42 0.16 -20.81
CA GLY C 35 10.62 -0.16 -20.06
C GLY C 35 10.75 0.60 -18.75
N TRP C 36 11.37 -0.05 -17.75
CA TRP C 36 11.54 0.56 -16.44
C TRP C 36 12.65 1.62 -16.52
N TYR C 37 12.48 2.71 -15.78
CA TYR C 37 13.51 3.75 -15.65
C TYR C 37 13.51 4.32 -14.22
N THR C 38 14.53 5.10 -13.90
CA THR C 38 14.66 5.72 -12.58
C THR C 38 13.96 7.05 -12.56
N GLY C 39 13.04 7.20 -11.63
CA GLY C 39 12.29 8.43 -11.50
C GLY C 39 13.01 9.58 -10.78
N ALA C 40 12.36 10.73 -10.84
CA ALA C 40 12.86 11.95 -10.19
C ALA C 40 12.83 11.96 -8.66
N PHE C 41 12.01 11.11 -8.07
CA PHE C 41 11.88 11.10 -6.62
C PHE C 41 13.12 10.52 -5.92
N ASN C 42 13.72 11.32 -5.04
CA ASN C 42 14.91 10.87 -4.27
C ASN C 42 14.89 11.61 -2.97
N GLU C 43 14.50 10.97 -1.88
CA GLU C 43 14.48 11.63 -0.56
C GLU C 43 14.88 10.66 0.54
N PRO C 44 15.35 11.19 1.68
CA PRO C 44 15.74 10.26 2.74
C PRO C 44 14.55 9.56 3.38
N GLY C 45 14.81 8.37 3.86
CA GLY C 45 13.81 7.60 4.58
C GLY C 45 14.21 6.16 4.78
N ASP C 46 13.76 5.60 5.90
CA ASP C 46 13.88 4.18 6.21
C ASP C 46 12.59 3.38 5.94
N ASN C 47 11.49 4.08 5.70
CA ASN C 47 10.20 3.47 5.42
C ASN C 47 9.43 4.37 4.45
N VAL C 48 8.67 3.75 3.55
CA VAL C 48 7.89 4.50 2.53
C VAL C 48 6.50 3.87 2.36
N SER C 49 5.51 4.74 2.22
CA SER C 49 4.20 4.36 1.72
C SER C 49 3.76 5.36 0.67
N VAL C 50 2.78 4.97 -0.13
CA VAL C 50 2.35 5.84 -1.22
C VAL C 50 0.87 5.69 -1.49
N THR C 51 0.26 6.77 -1.95
CA THR C 51 -1.09 6.72 -2.50
C THR C 51 -1.16 7.68 -3.69
N SER C 52 -2.11 7.46 -4.58
CA SER C 52 -2.27 8.32 -5.74
C SER C 52 -3.73 8.36 -6.14
N TRP C 53 -4.10 9.42 -6.85
CA TRP C 53 -5.48 9.57 -7.37
C TRP C 53 -5.42 10.35 -8.67
N LEU C 54 -6.44 10.11 -9.48
CA LEU C 54 -6.61 10.80 -10.74
C LEU C 54 -7.64 11.91 -10.66
N VAL C 55 -7.36 13.00 -11.34
CA VAL C 55 -8.37 14.02 -11.61
C VAL C 55 -8.45 14.10 -13.12
N GLY C 56 -9.55 13.63 -13.67
CA GLY C 56 -9.61 13.27 -15.09
C GLY C 56 -8.58 12.17 -15.34
N SER C 57 -7.66 12.44 -16.24
CA SER C 57 -6.52 11.53 -16.51
C SER C 57 -5.17 11.97 -15.86
N ALA C 58 -5.20 13.06 -15.09
CA ALA C 58 -4.01 13.68 -14.50
C ALA C 58 -3.72 13.06 -13.11
N ILE C 59 -2.52 12.52 -12.92
CA ILE C 59 -2.14 11.84 -11.65
C ILE C 59 -1.63 12.81 -10.57
N HIS C 60 -2.02 12.53 -9.32
CA HIS C 60 -1.50 13.18 -8.14
C HIS C 60 -0.97 12.10 -7.26
N ILE C 61 0.22 12.28 -6.71
CA ILE C 61 0.90 11.22 -5.91
C ILE C 61 1.27 11.86 -4.57
N ARG C 62 1.13 11.09 -3.49
CA ARG C 62 1.64 11.48 -2.15
C ARG C 62 2.47 10.33 -1.64
N VAL C 63 3.71 10.63 -1.30
CA VAL C 63 4.65 9.64 -0.76
C VAL C 63 4.95 10.05 0.67
N TYR C 64 4.86 9.08 1.57
CA TYR C 64 5.07 9.31 3.01
C TYR C 64 6.41 8.61 3.40
N ALA C 65 7.42 9.44 3.71
CA ALA C 65 8.80 9.00 3.98
C ALA C 65 9.10 9.18 5.45
N SER C 66 9.55 8.11 6.13
CA SER C 66 9.76 8.12 7.56
C SER C 66 11.18 7.77 7.96
N THR C 67 11.70 8.54 8.91
CA THR C 67 13.04 8.31 9.53
C THR C 67 12.74 8.42 11.01
N GLY C 68 13.08 7.42 11.81
CA GLY C 68 12.71 7.43 13.23
C GLY C 68 11.20 7.63 13.37
N THR C 69 10.79 8.61 14.15
CA THR C 69 9.39 8.92 14.30
C THR C 69 8.91 10.10 13.43
N THR C 70 9.74 10.53 12.50
CA THR C 70 9.43 11.72 11.68
C THR C 70 8.98 11.31 10.28
N THR C 71 7.75 11.64 9.93
CA THR C 71 7.25 11.34 8.58
C THR C 71 7.07 12.63 7.77
N THR C 72 7.59 12.64 6.56
CA THR C 72 7.49 13.78 5.65
C THR C 72 6.67 13.35 4.42
N GLU C 73 5.73 14.20 4.06
CA GLU C 73 4.92 13.98 2.87
C GLU C 73 5.53 14.71 1.72
N TRP C 74 5.67 13.99 0.59
CA TRP C 74 6.14 14.54 -0.69
C TRP C 74 4.99 14.48 -1.72
N CYS C 75 4.83 15.54 -2.50
CA CYS C 75 3.67 15.70 -3.38
C CYS C 75 4.07 15.87 -4.85
N TRP C 76 3.46 15.06 -5.73
CA TRP C 76 3.49 15.23 -7.18
C TRP C 76 2.08 15.68 -7.64
N ASP C 77 2.02 16.85 -8.25
CA ASP C 77 0.76 17.44 -8.80
C ASP C 77 0.91 17.92 -10.23
N GLY C 78 1.78 17.28 -10.98
CA GLY C 78 1.92 17.47 -12.44
C GLY C 78 3.14 18.22 -12.87
N ASN C 79 3.88 18.78 -11.93
CA ASN C 79 5.06 19.55 -12.28
C ASN C 79 6.18 19.47 -11.26
N GLY C 80 6.51 18.26 -10.81
CA GLY C 80 7.61 18.04 -9.88
C GLY C 80 7.18 17.79 -8.45
N TRP C 81 8.15 17.40 -7.65
CA TRP C 81 7.95 17.09 -6.26
C TRP C 81 8.09 18.29 -5.32
N THR C 82 7.16 18.40 -4.38
CA THR C 82 7.17 19.44 -3.33
C THR C 82 6.88 18.85 -1.98
N LYS C 83 7.38 19.47 -0.94
CA LYS C 83 7.07 19.01 0.43
C LYS C 83 5.64 19.42 0.82
N GLY C 84 4.87 18.49 1.36
CA GLY C 84 3.48 18.73 1.73
C GLY C 84 3.29 19.13 3.18
N ALA C 85 2.04 19.46 3.49
CA ALA C 85 1.65 20.00 4.78
C ALA C 85 1.48 18.95 5.88
N TYR C 86 1.50 17.66 5.51
CA TYR C 86 1.34 16.61 6.51
C TYR C 86 2.23 16.81 7.74
N THR C 87 1.64 16.62 8.89
CA THR C 87 2.35 16.55 10.19
C THR C 87 1.73 15.49 11.08
N ALA C 88 2.46 15.18 12.15
CA ALA C 88 1.97 14.38 13.31
C ALA C 88 1.03 15.19 14.22
N THR C 89 1.33 16.48 14.42
CA THR C 89 0.60 17.31 15.41
C THR C 89 -0.11 18.54 14.89
#